data_1O70
#
_entry.id   1O70
#
_cell.length_a   150.806
_cell.length_b   150.806
_cell.length_c   150.806
_cell.angle_alpha   90.00
_cell.angle_beta   90.00
_cell.angle_gamma   90.00
#
_symmetry.space_group_name_H-M   'P 43 3 2'
#
loop_
_entity.id
_entity.type
_entity.pdbx_description
1 polymer 'FASCICLIN I'
2 branched 2-acetamido-2-deoxy-beta-D-glucopyranose-(1-4)-2-acetamido-2-deoxy-beta-D-glucopyranose
3 non-polymer 'SULFATE ION'
4 water water
#
_entity_poly.entity_id   1
_entity_poly.type   'polypeptide(L)'
_entity_poly.pdbx_seq_one_letter_code
;AAAADTTVTQFLQSFKENAENGALRKFYEVIMDNGGAVLDDINSLTEVTILAPSNEAWNSSNINNVLRDRNKMRQILNMH
IIKDRLNVDKIRQKNANLIAQVPTVNNNTFLYFNVRGEGSDTVITVEGGGVNATVIQADVAQTNGYVHIIDHVLGVPYTT
VLGKLESDPMMSDTYKMGKFSHFNDQLNNTQRRFTYFVPRDKGWQKTELDYPSAHKKLFMADFSYHSKSILERHLAISDK
EYTMKDLVKFSQESGSVILPTFRDSLSIRVEEEAGRYVIIWNYKKINVYRPDVECTNGIIHVIDYPLLEEKDVVVAGGSA
AAAA
;
_entity_poly.pdbx_strand_id   A
#
loop_
_chem_comp.id
_chem_comp.type
_chem_comp.name
_chem_comp.formula
NAG D-saccharide, beta linking 2-acetamido-2-deoxy-beta-D-glucopyranose 'C8 H15 N O6'
SO4 non-polymer 'SULFATE ION' 'O4 S -2'
#
# COMPACT_ATOMS: atom_id res chain seq x y z
N ALA A 19 2.73 -0.51 25.59
CA ALA A 19 1.38 -0.09 26.08
C ALA A 19 0.59 -1.30 26.57
N GLU A 20 0.08 -2.08 25.62
CA GLU A 20 -0.71 -3.29 25.90
C GLU A 20 -1.97 -3.02 26.69
N ASN A 21 -1.80 -2.69 27.97
CA ASN A 21 -2.93 -2.39 28.84
C ASN A 21 -3.78 -1.30 28.20
N GLY A 22 -3.19 -0.13 28.00
CA GLY A 22 -3.91 0.97 27.40
C GLY A 22 -4.36 0.72 25.97
N ALA A 23 -3.51 0.09 25.18
CA ALA A 23 -3.84 -0.18 23.78
C ALA A 23 -5.07 -1.03 23.56
N LEU A 24 -5.08 -2.22 24.13
CA LEU A 24 -6.23 -3.11 23.96
C LEU A 24 -7.57 -2.54 24.41
N ARG A 25 -7.62 -1.86 25.55
CA ARG A 25 -8.88 -1.32 26.00
C ARG A 25 -9.35 -0.25 25.03
N LYS A 26 -8.40 0.51 24.51
CA LYS A 26 -8.69 1.59 23.55
C LYS A 26 -9.22 0.98 22.25
N PHE A 27 -8.60 -0.11 21.81
CA PHE A 27 -9.03 -0.78 20.59
C PHE A 27 -10.50 -1.15 20.76
N TYR A 28 -10.84 -1.73 21.91
CA TYR A 28 -12.23 -2.13 22.14
C TYR A 28 -13.14 -0.92 22.32
N GLU A 29 -12.63 0.15 22.89
CA GLU A 29 -13.45 1.35 23.03
C GLU A 29 -13.81 1.84 21.64
N VAL A 30 -12.82 1.87 20.74
CA VAL A 30 -13.08 2.30 19.38
C VAL A 30 -14.14 1.39 18.75
N ILE A 31 -14.07 0.09 19.02
CA ILE A 31 -15.07 -0.81 18.46
C ILE A 31 -16.48 -0.47 18.99
N MET A 32 -16.56 -0.08 20.25
CA MET A 32 -17.85 0.29 20.85
C MET A 32 -18.47 1.50 20.16
N ASP A 33 -17.67 2.55 19.96
CA ASP A 33 -18.14 3.77 19.30
C ASP A 33 -18.64 3.53 17.88
N ASN A 34 -18.15 2.50 17.21
CA ASN A 34 -18.57 2.29 15.83
C ASN A 34 -19.31 1.02 15.44
N GLY A 35 -20.38 0.70 16.15
CA GLY A 35 -21.14 -0.47 15.79
C GLY A 35 -21.14 -1.61 16.79
N GLY A 36 -20.06 -2.38 16.77
CA GLY A 36 -19.94 -3.53 17.65
C GLY A 36 -19.92 -4.75 16.77
N ALA A 37 -20.32 -4.54 15.51
CA ALA A 37 -20.36 -5.61 14.51
C ALA A 37 -18.96 -6.21 14.38
N VAL A 38 -17.96 -5.37 14.60
CA VAL A 38 -16.58 -5.79 14.52
C VAL A 38 -16.34 -6.91 15.53
N LEU A 39 -16.82 -6.72 16.76
CA LEU A 39 -16.64 -7.70 17.80
C LEU A 39 -17.24 -9.06 17.42
N ASP A 40 -18.31 -9.04 16.62
CA ASP A 40 -18.94 -10.28 16.20
C ASP A 40 -18.05 -11.09 15.29
N ASP A 41 -17.45 -10.43 14.31
CA ASP A 41 -16.57 -11.10 13.36
C ASP A 41 -15.34 -11.66 14.05
N ILE A 42 -14.81 -10.90 15.01
CA ILE A 42 -13.64 -11.31 15.75
C ILE A 42 -13.91 -12.60 16.49
N ASN A 43 -15.03 -12.65 17.21
CA ASN A 43 -15.37 -13.84 17.97
C ASN A 43 -15.87 -15.01 17.11
N SER A 44 -16.09 -14.76 15.83
CA SER A 44 -16.56 -15.85 14.97
C SER A 44 -15.37 -16.45 14.23
N LEU A 45 -14.15 -16.14 14.65
CA LEU A 45 -12.96 -16.68 13.99
C LEU A 45 -12.32 -17.78 14.82
N THR A 46 -11.89 -18.84 14.14
CA THR A 46 -11.23 -19.95 14.80
C THR A 46 -9.83 -19.51 15.24
N GLU A 47 -9.23 -18.61 14.47
CA GLU A 47 -7.91 -18.07 14.78
C GLU A 47 -7.94 -16.58 14.41
N VAL A 48 -7.37 -15.74 15.28
CA VAL A 48 -7.36 -14.30 15.04
C VAL A 48 -6.18 -13.59 15.68
N THR A 49 -5.58 -12.65 14.94
CA THR A 49 -4.47 -11.87 15.46
C THR A 49 -4.82 -10.40 15.24
N ILE A 50 -4.74 -9.65 16.33
CA ILE A 50 -5.09 -8.24 16.30
C ILE A 50 -3.86 -7.35 16.39
N LEU A 51 -3.82 -6.32 15.54
CA LEU A 51 -2.73 -5.36 15.57
C LEU A 51 -3.37 -4.16 16.23
N ALA A 52 -3.12 -4.00 17.52
CA ALA A 52 -3.70 -2.89 18.27
C ALA A 52 -2.80 -1.67 18.31
N PRO A 53 -3.26 -0.56 17.73
CA PRO A 53 -2.47 0.68 17.72
C PRO A 53 -2.28 1.15 19.16
N SER A 54 -1.10 1.70 19.47
CA SER A 54 -0.84 2.22 20.81
C SER A 54 -1.79 3.38 21.04
N ASN A 55 -1.98 3.77 22.30
CA ASN A 55 -2.86 4.89 22.61
C ASN A 55 -2.32 6.17 22.00
N GLU A 56 -1.00 6.25 21.92
CA GLU A 56 -0.34 7.41 21.35
C GLU A 56 -0.61 7.43 19.85
N ALA A 57 -0.82 6.24 19.28
CA ALA A 57 -1.10 6.12 17.86
C ALA A 57 -2.55 6.53 17.57
N TRP A 58 -3.45 6.28 18.51
CA TRP A 58 -4.83 6.64 18.29
C TRP A 58 -5.08 8.13 18.49
N ASN A 59 -4.11 8.84 19.04
CA ASN A 59 -4.26 10.26 19.27
C ASN A 59 -3.48 11.07 18.24
N SER A 60 -2.19 10.78 18.12
CA SER A 60 -1.32 11.48 17.18
C SER A 60 -1.75 11.26 15.74
N SER A 61 -2.64 10.29 15.53
CA SER A 61 -3.12 10.00 14.18
C SER A 61 -4.04 11.12 13.72
N ASN A 62 -4.51 11.91 14.67
CA ASN A 62 -5.40 13.02 14.37
C ASN A 62 -6.46 12.57 13.37
N ILE A 63 -7.00 11.37 13.56
CA ILE A 63 -8.01 10.82 12.68
C ILE A 63 -9.36 11.45 13.01
N ASN A 64 -9.30 12.64 13.60
CA ASN A 64 -10.50 13.38 13.98
C ASN A 64 -11.52 13.36 12.85
N ASN A 65 -11.02 13.48 11.63
CA ASN A 65 -11.86 13.48 10.44
C ASN A 65 -12.65 12.19 10.26
N VAL A 66 -11.94 11.08 10.04
CA VAL A 66 -12.59 9.79 9.84
C VAL A 66 -13.13 9.15 11.10
N LEU A 67 -12.64 9.58 12.26
CA LEU A 67 -13.09 9.02 13.54
C LEU A 67 -14.60 9.11 13.72
N ARG A 68 -15.21 10.12 13.08
CA ARG A 68 -16.64 10.31 13.19
C ARG A 68 -17.41 9.51 12.16
N ASP A 69 -16.71 8.99 11.16
CA ASP A 69 -17.37 8.20 10.13
C ASP A 69 -17.41 6.74 10.58
N ARG A 70 -18.52 6.34 11.19
CA ARG A 70 -18.68 4.97 11.68
C ARG A 70 -18.46 3.90 10.62
N ASN A 71 -18.82 4.20 9.38
CA ASN A 71 -18.68 3.23 8.32
C ASN A 71 -17.20 3.00 7.95
N LYS A 72 -16.43 4.08 8.01
CA LYS A 72 -15.01 4.02 7.71
C LYS A 72 -14.22 3.42 8.87
N MET A 73 -14.55 3.86 10.08
CA MET A 73 -13.89 3.35 11.26
C MET A 73 -13.92 1.83 11.29
N ARG A 74 -15.04 1.27 10.87
CA ARG A 74 -15.22 -0.17 10.82
C ARG A 74 -14.24 -0.78 9.81
N GLN A 75 -14.04 -0.10 8.68
CA GLN A 75 -13.12 -0.59 7.67
C GLN A 75 -11.70 -0.51 8.19
N ILE A 76 -11.41 0.56 8.92
CA ILE A 76 -10.10 0.76 9.49
C ILE A 76 -9.87 -0.31 10.55
N LEU A 77 -10.84 -0.47 11.44
CA LEU A 77 -10.74 -1.48 12.48
C LEU A 77 -10.53 -2.86 11.88
N ASN A 78 -11.35 -3.20 10.88
CA ASN A 78 -11.25 -4.52 10.25
C ASN A 78 -9.91 -4.89 9.65
N MET A 79 -9.15 -3.92 9.15
CA MET A 79 -7.86 -4.25 8.57
C MET A 79 -6.79 -4.50 9.63
N HIS A 80 -7.12 -4.21 10.89
CA HIS A 80 -6.18 -4.46 11.99
C HIS A 80 -6.43 -5.87 12.53
N ILE A 81 -7.39 -6.57 11.94
CA ILE A 81 -7.75 -7.93 12.39
C ILE A 81 -7.41 -9.04 11.39
N ILE A 82 -6.32 -9.74 11.68
CA ILE A 82 -5.83 -10.84 10.85
C ILE A 82 -6.55 -12.17 11.09
N LYS A 83 -7.17 -12.70 10.06
CA LYS A 83 -7.88 -13.97 10.17
C LYS A 83 -6.89 -15.13 10.23
N ASP A 84 -6.07 -15.16 11.29
CA ASP A 84 -5.07 -16.21 11.46
C ASP A 84 -4.30 -16.06 12.78
N ARG A 85 -3.58 -17.11 13.17
CA ARG A 85 -2.79 -17.08 14.39
C ARG A 85 -1.36 -16.72 13.99
N LEU A 86 -0.97 -15.46 14.21
CA LEU A 86 0.35 -15.02 13.80
C LEU A 86 1.24 -14.36 14.85
N ASN A 87 2.31 -15.04 15.23
CA ASN A 87 3.27 -14.48 16.19
C ASN A 87 4.55 -14.20 15.41
N VAL A 88 5.48 -13.49 16.04
CA VAL A 88 6.75 -13.18 15.38
C VAL A 88 7.37 -14.35 14.63
N ASP A 89 7.50 -15.50 15.28
CA ASP A 89 8.10 -16.66 14.64
C ASP A 89 7.39 -17.04 13.35
N LYS A 90 6.07 -17.15 13.41
CA LYS A 90 5.30 -17.53 12.23
C LYS A 90 5.46 -16.49 11.11
N ILE A 91 5.51 -15.21 11.48
CA ILE A 91 5.68 -14.15 10.49
C ILE A 91 7.03 -14.31 9.81
N ARG A 92 8.09 -14.54 10.60
CA ARG A 92 9.43 -14.74 10.04
C ARG A 92 9.40 -15.85 9.00
N GLN A 93 8.86 -16.99 9.40
CA GLN A 93 8.78 -18.16 8.54
C GLN A 93 8.02 -17.93 7.24
N LYS A 94 6.84 -17.31 7.34
CA LYS A 94 6.04 -17.06 6.17
C LYS A 94 6.72 -16.13 5.17
N ASN A 95 7.61 -15.26 5.64
CA ASN A 95 8.31 -14.37 4.74
C ASN A 95 9.67 -14.88 4.31
N ALA A 96 9.95 -16.14 4.61
CA ALA A 96 11.25 -16.74 4.27
C ALA A 96 11.54 -16.68 2.77
N ASN A 97 10.71 -17.36 1.98
CA ASN A 97 10.89 -17.41 0.53
C ASN A 97 10.41 -16.12 -0.10
N LEU A 98 9.11 -15.87 -0.01
CA LEU A 98 8.49 -14.67 -0.56
C LEU A 98 7.79 -13.90 0.54
N ILE A 99 7.22 -12.76 0.18
CA ILE A 99 6.50 -11.92 1.12
C ILE A 99 5.08 -12.45 1.21
N ALA A 100 4.65 -12.80 2.42
CA ALA A 100 3.30 -13.31 2.60
C ALA A 100 2.32 -12.16 2.80
N GLN A 101 1.36 -12.07 1.90
CA GLN A 101 0.35 -11.03 2.04
C GLN A 101 -0.73 -11.67 2.87
N VAL A 102 -0.95 -11.09 4.05
CA VAL A 102 -1.91 -11.58 5.02
C VAL A 102 -3.28 -10.90 4.93
N PRO A 103 -4.34 -11.68 4.68
CA PRO A 103 -5.72 -11.15 4.58
C PRO A 103 -6.27 -10.70 5.93
N THR A 104 -7.21 -9.77 5.92
CA THR A 104 -7.82 -9.28 7.15
C THR A 104 -9.34 -9.36 7.08
N VAL A 105 -10.02 -8.89 8.12
CA VAL A 105 -11.48 -8.92 8.16
C VAL A 105 -11.97 -8.01 7.04
N ASN A 106 -11.12 -7.07 6.66
CA ASN A 106 -11.44 -6.15 5.58
C ASN A 106 -11.05 -6.90 4.31
N ASN A 107 -12.03 -7.41 3.56
CA ASN A 107 -11.70 -8.17 2.34
C ASN A 107 -11.25 -7.31 1.17
N ASN A 108 -10.85 -6.08 1.47
CA ASN A 108 -10.35 -5.16 0.47
C ASN A 108 -8.98 -4.64 0.90
N THR A 109 -8.43 -5.23 1.96
CA THR A 109 -7.14 -4.81 2.50
C THR A 109 -6.33 -5.97 3.04
N PHE A 110 -5.11 -6.14 2.56
CA PHE A 110 -4.27 -7.19 3.12
C PHE A 110 -3.03 -6.49 3.68
N LEU A 111 -2.24 -7.19 4.48
CA LEU A 111 -1.05 -6.60 5.07
C LEU A 111 0.11 -7.54 4.80
N TYR A 112 1.30 -7.13 5.22
CA TYR A 112 2.48 -7.97 5.11
C TYR A 112 3.49 -7.35 6.04
N PHE A 113 4.43 -8.17 6.50
CA PHE A 113 5.42 -7.69 7.45
C PHE A 113 6.84 -7.76 6.93
N ASN A 114 7.72 -7.08 7.64
CA ASN A 114 9.14 -7.08 7.34
C ASN A 114 9.83 -7.29 8.68
N VAL A 115 10.72 -8.28 8.73
CA VAL A 115 11.45 -8.60 9.96
C VAL A 115 12.95 -8.40 9.81
N ARG A 116 13.55 -7.66 10.75
CA ARG A 116 14.99 -7.40 10.76
C ARG A 116 15.59 -7.81 12.10
N GLY A 117 16.84 -8.28 12.05
CA GLY A 117 17.56 -8.69 13.26
C GLY A 117 16.95 -9.85 14.02
N GLU A 118 17.53 -10.15 15.19
CA GLU A 118 17.03 -11.24 16.02
C GLU A 118 17.11 -10.89 17.50
N GLY A 119 16.57 -11.76 18.34
CA GLY A 119 16.60 -11.53 19.77
C GLY A 119 15.96 -10.23 20.17
N SER A 120 16.61 -9.50 21.06
CA SER A 120 16.10 -8.23 21.55
C SER A 120 16.33 -7.11 20.55
N ASP A 121 16.96 -7.43 19.42
CA ASP A 121 17.22 -6.42 18.41
C ASP A 121 16.24 -6.49 17.27
N THR A 122 15.36 -7.48 17.33
CA THR A 122 14.35 -7.67 16.31
C THR A 122 13.50 -6.43 16.07
N VAL A 123 13.30 -6.12 14.80
CA VAL A 123 12.47 -4.99 14.43
C VAL A 123 11.43 -5.51 13.45
N ILE A 124 10.18 -5.38 13.85
CA ILE A 124 9.08 -5.83 13.02
C ILE A 124 8.22 -4.66 12.60
N THR A 125 8.00 -4.54 11.30
CA THR A 125 7.16 -3.49 10.77
C THR A 125 6.07 -4.13 9.92
N VAL A 126 4.97 -3.41 9.74
CA VAL A 126 3.85 -3.89 8.94
C VAL A 126 3.42 -2.80 7.97
N GLU A 127 2.97 -3.21 6.79
CA GLU A 127 2.51 -2.25 5.79
C GLU A 127 1.07 -2.55 5.44
N GLY A 128 0.20 -1.57 5.63
CA GLY A 128 -1.19 -1.78 5.30
C GLY A 128 -2.02 -0.53 5.15
N GLY A 129 -2.93 -0.54 4.18
CA GLY A 129 -3.79 0.61 3.96
C GLY A 129 -3.01 1.89 3.84
N GLY A 130 -1.85 1.80 3.21
CA GLY A 130 -0.98 2.95 2.99
C GLY A 130 -0.16 3.31 4.20
N VAL A 131 -0.25 2.52 5.26
CA VAL A 131 0.51 2.85 6.45
C VAL A 131 1.58 1.85 6.81
N ASN A 132 2.74 2.38 7.20
CA ASN A 132 3.87 1.56 7.64
C ASN A 132 3.99 1.79 9.14
N ALA A 133 3.82 0.73 9.91
CA ALA A 133 3.91 0.83 11.36
C ALA A 133 4.91 -0.14 11.95
N THR A 134 5.44 0.24 13.10
CA THR A 134 6.39 -0.62 13.78
C THR A 134 5.69 -1.28 14.94
N VAL A 135 6.03 -2.54 15.16
CA VAL A 135 5.48 -3.31 16.26
C VAL A 135 6.31 -2.91 17.46
N ILE A 136 5.71 -2.22 18.43
CA ILE A 136 6.43 -1.79 19.62
C ILE A 136 6.23 -2.76 20.77
N GLN A 137 5.54 -3.86 20.51
CA GLN A 137 5.28 -4.88 21.52
C GLN A 137 4.64 -6.05 20.80
N ALA A 138 5.24 -7.22 20.95
CA ALA A 138 4.74 -8.38 20.24
C ALA A 138 4.39 -9.60 21.07
N ASP A 139 3.88 -10.61 20.39
CA ASP A 139 3.53 -11.88 21.00
C ASP A 139 2.73 -11.81 22.29
N VAL A 140 1.71 -10.97 22.32
CA VAL A 140 0.87 -10.90 23.51
C VAL A 140 -0.14 -12.05 23.31
N ALA A 141 -0.03 -13.09 24.12
CA ALA A 141 -0.90 -14.26 23.98
C ALA A 141 -2.40 -13.99 24.07
N GLN A 142 -3.14 -14.79 23.32
CA GLN A 142 -4.60 -14.72 23.28
C GLN A 142 -5.15 -16.13 23.13
N THR A 143 -6.44 -16.27 23.35
CA THR A 143 -7.11 -17.55 23.28
C THR A 143 -6.96 -18.22 21.91
N ASN A 144 -7.30 -17.49 20.85
CA ASN A 144 -7.22 -18.01 19.51
C ASN A 144 -6.10 -17.39 18.68
N GLY A 145 -5.15 -16.73 19.32
CA GLY A 145 -4.07 -16.13 18.57
C GLY A 145 -3.16 -15.20 19.34
N TYR A 146 -2.86 -14.05 18.76
CA TYR A 146 -1.97 -13.10 19.40
C TYR A 146 -2.42 -11.66 19.21
N VAL A 147 -1.68 -10.76 19.85
CA VAL A 147 -1.93 -9.34 19.77
C VAL A 147 -0.58 -8.67 19.75
N HIS A 148 -0.45 -7.65 18.91
CA HIS A 148 0.80 -6.90 18.81
C HIS A 148 0.43 -5.42 18.80
N ILE A 149 1.26 -4.59 19.42
CA ILE A 149 0.99 -3.17 19.45
C ILE A 149 1.83 -2.43 18.40
N ILE A 150 1.17 -1.62 17.57
CA ILE A 150 1.87 -0.86 16.54
C ILE A 150 1.78 0.63 16.84
N ASP A 151 2.73 1.39 16.32
CA ASP A 151 2.79 2.82 16.59
C ASP A 151 2.02 3.72 15.65
N HIS A 152 1.29 3.14 14.72
CA HIS A 152 0.47 3.93 13.80
C HIS A 152 -0.78 3.17 13.55
N VAL A 153 -1.84 3.90 13.21
CA VAL A 153 -3.12 3.28 12.93
C VAL A 153 -3.18 2.99 11.45
N LEU A 154 -3.31 1.71 11.10
CA LEU A 154 -3.37 1.33 9.70
C LEU A 154 -4.62 1.94 9.05
N GLY A 155 -4.59 2.08 7.74
CA GLY A 155 -5.73 2.65 7.02
C GLY A 155 -5.91 4.15 7.15
N VAL A 156 -4.95 4.83 7.78
CA VAL A 156 -5.00 6.29 7.93
C VAL A 156 -3.62 6.84 7.57
N PRO A 157 -3.39 7.10 6.28
CA PRO A 157 -2.11 7.61 5.78
C PRO A 157 -1.59 8.83 6.52
N TYR A 158 -0.29 8.83 6.78
CA TYR A 158 0.33 9.97 7.43
C TYR A 158 1.47 10.46 6.54
N THR A 159 1.40 10.11 5.27
CA THR A 159 2.41 10.51 4.30
C THR A 159 1.79 10.81 2.94
N THR A 160 2.42 11.72 2.21
CA THR A 160 1.97 12.06 0.87
C THR A 160 2.57 10.99 -0.04
N VAL A 161 2.15 11.00 -1.31
CA VAL A 161 2.68 10.06 -2.28
C VAL A 161 4.22 10.08 -2.18
N LEU A 162 4.79 11.28 -2.21
CA LEU A 162 6.26 11.45 -2.11
C LEU A 162 6.79 10.87 -0.81
N GLY A 163 6.10 11.17 0.29
CA GLY A 163 6.54 10.69 1.59
C GLY A 163 6.63 9.18 1.61
N LYS A 164 5.67 8.56 0.94
CA LYS A 164 5.58 7.11 0.84
C LYS A 164 6.72 6.58 -0.02
N LEU A 165 6.91 7.20 -1.18
CA LEU A 165 7.97 6.78 -2.10
C LEU A 165 9.36 6.76 -1.50
N GLU A 166 9.64 7.66 -0.57
CA GLU A 166 10.98 7.67 0.01
C GLU A 166 11.09 6.74 1.21
N SER A 167 9.95 6.40 1.82
CA SER A 167 9.96 5.52 2.97
C SER A 167 9.66 4.03 2.72
N ASP A 168 9.25 3.68 1.50
CA ASP A 168 8.92 2.29 1.15
C ASP A 168 10.04 1.63 0.33
N PRO A 169 10.77 0.68 0.93
CA PRO A 169 11.86 0.02 0.21
C PRO A 169 11.46 -0.62 -1.12
N MET A 170 10.19 -1.03 -1.20
CA MET A 170 9.68 -1.67 -2.40
C MET A 170 9.60 -0.72 -3.58
N MET A 171 9.56 0.57 -3.28
CA MET A 171 9.46 1.63 -4.28
C MET A 171 10.78 2.32 -4.54
N SER A 172 11.84 1.86 -3.89
CA SER A 172 13.17 2.47 -4.01
C SER A 172 13.65 2.81 -5.43
N ASP A 173 13.44 1.92 -6.39
CA ASP A 173 13.86 2.18 -7.75
C ASP A 173 13.05 3.31 -8.39
N THR A 174 11.73 3.17 -8.34
CA THR A 174 10.89 4.19 -8.91
C THR A 174 11.14 5.53 -8.22
N TYR A 175 11.40 5.51 -6.91
CA TYR A 175 11.64 6.76 -6.19
C TYR A 175 12.96 7.37 -6.62
N LYS A 176 13.97 6.53 -6.82
CA LYS A 176 15.26 7.02 -7.24
C LYS A 176 15.23 7.57 -8.67
N MET A 177 14.53 6.88 -9.56
CA MET A 177 14.42 7.30 -10.94
C MET A 177 13.76 8.67 -11.08
N GLY A 178 12.83 8.96 -10.17
CA GLY A 178 12.11 10.22 -10.20
C GLY A 178 12.93 11.39 -9.68
N LYS A 179 14.16 11.12 -9.28
CA LYS A 179 15.00 12.18 -8.77
C LYS A 179 15.81 12.89 -9.86
N PHE A 180 16.32 12.12 -10.82
CA PHE A 180 17.14 12.70 -11.87
C PHE A 180 16.52 13.90 -12.57
N SER A 181 15.21 13.92 -12.69
CA SER A 181 14.50 15.00 -13.38
C SER A 181 13.66 15.86 -12.44
N HIS A 182 13.74 15.58 -11.14
CA HIS A 182 12.98 16.31 -10.13
C HIS A 182 11.49 16.09 -10.33
N PHE A 183 11.19 14.93 -10.90
CA PHE A 183 9.81 14.51 -11.14
C PHE A 183 9.10 14.34 -9.78
N ASN A 184 9.84 13.88 -8.76
CA ASN A 184 9.25 13.66 -7.45
C ASN A 184 8.75 14.90 -6.73
N ASP A 185 9.46 16.01 -6.89
CA ASP A 185 9.11 17.26 -6.23
C ASP A 185 7.61 17.50 -6.15
N GLN A 186 6.96 17.44 -7.30
CA GLN A 186 5.53 17.68 -7.39
C GLN A 186 4.66 16.77 -6.51
N LEU A 187 5.13 15.55 -6.26
CA LEU A 187 4.37 14.57 -5.47
C LEU A 187 4.16 14.92 -4.00
N ASN A 188 4.64 16.10 -3.62
CA ASN A 188 4.50 16.54 -2.24
C ASN A 188 3.31 17.50 -2.15
N ASN A 189 2.93 18.06 -3.30
CA ASN A 189 1.83 19.00 -3.39
C ASN A 189 0.53 18.43 -2.82
N THR A 190 -0.13 19.21 -1.96
CA THR A 190 -1.38 18.77 -1.34
C THR A 190 -2.61 19.38 -2.00
N GLN A 191 -2.40 20.21 -3.02
CA GLN A 191 -3.51 20.86 -3.71
C GLN A 191 -4.04 20.04 -4.88
N ARG A 192 -3.33 18.97 -5.22
CA ARG A 192 -3.73 18.08 -6.31
C ARG A 192 -3.91 16.68 -5.74
N ARG A 193 -4.45 15.78 -6.55
CA ARG A 193 -4.65 14.41 -6.13
C ARG A 193 -3.97 13.51 -7.15
N PHE A 194 -2.98 12.73 -6.70
CA PHE A 194 -2.26 11.86 -7.60
C PHE A 194 -2.61 10.39 -7.47
N THR A 195 -2.59 9.71 -8.61
CA THR A 195 -2.82 8.27 -8.66
C THR A 195 -1.57 7.79 -9.38
N TYR A 196 -0.58 7.37 -8.60
CA TYR A 196 0.70 6.93 -9.14
C TYR A 196 0.81 5.40 -9.24
N PHE A 197 0.96 4.91 -10.48
CA PHE A 197 1.12 3.49 -10.70
C PHE A 197 2.62 3.27 -10.62
N VAL A 198 3.05 2.80 -9.45
CA VAL A 198 4.46 2.59 -9.17
C VAL A 198 5.02 1.19 -9.38
N PRO A 199 5.94 1.03 -10.35
CA PRO A 199 6.51 -0.29 -10.56
C PRO A 199 7.39 -0.63 -9.32
N ARG A 200 7.28 -1.86 -8.81
CA ARG A 200 8.08 -2.26 -7.65
C ARG A 200 9.50 -2.52 -8.12
N ASP A 201 10.44 -2.63 -7.18
CA ASP A 201 11.83 -2.90 -7.53
C ASP A 201 11.97 -4.12 -8.44
N LYS A 202 11.34 -5.24 -8.06
CA LYS A 202 11.39 -6.48 -8.86
C LYS A 202 11.01 -6.16 -10.32
N GLY A 203 10.06 -5.25 -10.48
CA GLY A 203 9.64 -4.84 -11.81
C GLY A 203 10.76 -4.20 -12.59
N TRP A 204 11.47 -3.23 -12.00
CA TRP A 204 12.57 -2.60 -12.72
C TRP A 204 13.70 -3.61 -12.94
N GLN A 205 13.88 -4.54 -11.99
CA GLN A 205 14.95 -5.55 -12.15
C GLN A 205 14.64 -6.40 -13.36
N LYS A 206 13.37 -6.70 -13.56
CA LYS A 206 12.97 -7.50 -14.70
C LYS A 206 13.25 -6.71 -15.98
N THR A 207 13.01 -5.40 -15.93
CA THR A 207 13.24 -4.53 -17.07
C THR A 207 14.74 -4.49 -17.38
N GLU A 208 15.56 -4.64 -16.34
CA GLU A 208 17.01 -4.64 -16.54
C GLU A 208 17.42 -5.86 -17.37
N LEU A 209 16.74 -6.99 -17.16
CA LEU A 209 17.04 -8.20 -17.91
C LEU A 209 16.55 -8.07 -19.34
N ASP A 210 15.40 -7.45 -19.52
CA ASP A 210 14.82 -7.27 -20.85
C ASP A 210 15.56 -6.26 -21.72
N TYR A 211 15.89 -5.12 -21.12
CA TYR A 211 16.55 -4.03 -21.81
C TYR A 211 17.64 -3.43 -20.91
N PRO A 212 18.75 -4.16 -20.73
CA PRO A 212 19.87 -3.72 -19.89
C PRO A 212 20.43 -2.33 -20.17
N SER A 213 20.55 -1.98 -21.44
CA SER A 213 21.05 -0.67 -21.83
C SER A 213 20.04 0.44 -21.55
N ALA A 214 18.79 0.21 -21.93
CA ALA A 214 17.76 1.21 -21.68
C ALA A 214 17.55 1.35 -20.17
N HIS A 215 17.76 0.26 -19.45
CA HIS A 215 17.59 0.30 -18.00
C HIS A 215 18.69 1.14 -17.38
N LYS A 216 19.91 1.00 -17.89
CA LYS A 216 21.02 1.78 -17.35
C LYS A 216 20.78 3.27 -17.63
N LYS A 217 20.14 3.57 -18.76
CA LYS A 217 19.86 4.95 -19.14
C LYS A 217 18.81 5.61 -18.24
N LEU A 218 17.77 4.86 -17.89
CA LEU A 218 16.70 5.39 -17.04
C LEU A 218 17.26 5.85 -15.70
N PHE A 219 18.36 5.26 -15.28
CA PHE A 219 18.98 5.65 -14.02
C PHE A 219 20.26 6.47 -14.26
N MET A 220 20.22 7.35 -15.25
CA MET A 220 21.35 8.23 -15.57
C MET A 220 20.84 9.65 -15.79
N ALA A 221 21.55 10.60 -15.19
CA ALA A 221 21.16 12.01 -15.31
C ALA A 221 21.13 12.45 -16.76
N ASP A 222 22.02 11.91 -17.58
CA ASP A 222 22.05 12.27 -18.98
C ASP A 222 20.70 12.12 -19.67
N PHE A 223 19.89 11.17 -19.21
CA PHE A 223 18.60 10.96 -19.87
C PHE A 223 17.39 11.29 -19.00
N SER A 224 17.56 12.24 -18.09
CA SER A 224 16.49 12.67 -17.21
C SER A 224 15.19 12.90 -17.99
N TYR A 225 15.31 13.46 -19.19
CA TYR A 225 14.13 13.71 -20.02
C TYR A 225 13.33 12.43 -20.27
N HIS A 226 14.05 11.38 -20.65
CA HIS A 226 13.44 10.08 -20.94
C HIS A 226 12.76 9.50 -19.69
N SER A 227 13.50 9.40 -18.60
CA SER A 227 12.95 8.86 -17.37
C SER A 227 11.72 9.63 -16.90
N LYS A 228 11.73 10.95 -17.07
CA LYS A 228 10.59 11.77 -16.66
C LYS A 228 9.37 11.43 -17.51
N SER A 229 9.60 11.31 -18.79
CA SER A 229 8.55 10.99 -19.74
C SER A 229 7.92 9.65 -19.40
N ILE A 230 8.75 8.69 -18.99
CA ILE A 230 8.27 7.34 -18.62
C ILE A 230 7.39 7.41 -17.38
N LEU A 231 7.87 8.11 -16.36
CA LEU A 231 7.13 8.25 -15.10
C LEU A 231 5.85 9.04 -15.26
N GLU A 232 5.88 10.13 -16.02
CA GLU A 232 4.68 10.93 -16.21
C GLU A 232 3.56 10.09 -16.81
N ARG A 233 3.95 9.00 -17.49
CA ARG A 233 2.98 8.11 -18.08
C ARG A 233 2.28 7.32 -16.97
N HIS A 234 2.97 7.15 -15.83
CA HIS A 234 2.41 6.41 -14.71
C HIS A 234 1.64 7.27 -13.72
N LEU A 235 1.73 8.58 -13.90
CA LEU A 235 1.09 9.53 -12.98
C LEU A 235 -0.16 10.25 -13.45
N ALA A 236 -1.29 9.90 -12.83
CA ALA A 236 -2.57 10.51 -13.16
C ALA A 236 -2.83 11.67 -12.20
N ILE A 237 -3.13 12.84 -12.75
CA ILE A 237 -3.38 14.02 -11.95
C ILE A 237 -4.76 14.61 -12.17
N SER A 238 -5.59 14.61 -11.12
CA SER A 238 -6.94 15.17 -11.22
C SER A 238 -7.39 15.69 -9.85
N ASP A 239 -8.65 16.07 -9.75
CA ASP A 239 -9.17 16.60 -8.50
C ASP A 239 -9.49 15.45 -7.53
N LYS A 240 -9.55 14.23 -8.06
CA LYS A 240 -9.84 13.08 -7.22
C LYS A 240 -8.85 11.93 -7.44
N GLU A 241 -8.88 10.95 -6.54
CA GLU A 241 -8.00 9.80 -6.64
C GLU A 241 -8.80 8.59 -7.05
N TYR A 242 -8.18 7.69 -7.79
CA TYR A 242 -8.88 6.51 -8.25
C TYR A 242 -8.47 5.26 -7.51
N THR A 243 -9.43 4.59 -6.89
CA THR A 243 -9.10 3.35 -6.20
C THR A 243 -9.15 2.29 -7.28
N MET A 244 -8.48 1.18 -7.03
CA MET A 244 -8.47 0.12 -8.00
C MET A 244 -9.92 -0.30 -8.28
N LYS A 245 -10.78 -0.19 -7.26
CA LYS A 245 -12.19 -0.55 -7.41
C LYS A 245 -12.90 0.46 -8.31
N ASP A 246 -12.37 1.67 -8.40
CA ASP A 246 -12.97 2.69 -9.26
C ASP A 246 -12.63 2.35 -10.71
N LEU A 247 -11.36 2.08 -10.96
CA LEU A 247 -10.90 1.75 -12.31
C LEU A 247 -11.67 0.56 -12.87
N VAL A 248 -11.98 -0.40 -12.00
CA VAL A 248 -12.73 -1.59 -12.42
C VAL A 248 -14.14 -1.20 -12.85
N LYS A 249 -14.82 -0.42 -12.01
CA LYS A 249 -16.18 0.03 -12.31
C LYS A 249 -16.22 0.87 -13.59
N PHE A 250 -15.23 1.75 -13.76
CA PHE A 250 -15.18 2.58 -14.96
C PHE A 250 -14.99 1.70 -16.18
N SER A 251 -13.93 0.90 -16.20
CA SER A 251 -13.68 0.06 -17.37
C SER A 251 -14.76 -0.99 -17.57
N GLN A 252 -15.67 -1.11 -16.61
CA GLN A 252 -16.74 -2.09 -16.71
C GLN A 252 -17.99 -1.46 -17.34
N GLU A 253 -18.39 -0.31 -16.81
CA GLU A 253 -19.56 0.41 -17.32
C GLU A 253 -19.24 0.95 -18.70
N SER A 254 -18.05 1.53 -18.86
CA SER A 254 -17.63 2.06 -20.15
C SER A 254 -16.67 1.05 -20.74
N GLY A 255 -16.06 1.37 -21.87
CA GLY A 255 -15.14 0.45 -22.50
C GLY A 255 -13.90 0.27 -21.64
N SER A 256 -13.03 1.27 -21.69
CA SER A 256 -11.79 1.25 -20.92
C SER A 256 -11.78 2.47 -19.99
N VAL A 257 -10.62 2.76 -19.40
CA VAL A 257 -10.46 3.89 -18.50
C VAL A 257 -9.50 4.91 -19.08
N ILE A 258 -9.81 6.18 -18.91
CA ILE A 258 -8.95 7.23 -19.43
C ILE A 258 -8.67 8.24 -18.34
N LEU A 259 -7.42 8.34 -17.95
CA LEU A 259 -7.04 9.27 -16.90
C LEU A 259 -6.07 10.31 -17.42
N PRO A 260 -6.19 11.56 -16.92
CA PRO A 260 -5.31 12.65 -17.34
C PRO A 260 -3.93 12.44 -16.74
N THR A 261 -2.88 12.57 -17.54
CA THR A 261 -1.53 12.43 -17.00
C THR A 261 -1.02 13.86 -16.97
N PHE A 262 0.30 14.04 -16.95
CA PHE A 262 0.83 15.40 -16.90
C PHE A 262 0.62 16.19 -18.20
N ARG A 263 1.14 15.68 -19.30
CA ARG A 263 1.04 16.35 -20.58
C ARG A 263 0.15 15.62 -21.58
N ASP A 264 -0.45 14.51 -21.15
CA ASP A 264 -1.31 13.75 -22.04
C ASP A 264 -2.40 13.03 -21.26
N SER A 265 -2.56 11.74 -21.55
CA SER A 265 -3.57 10.93 -20.86
C SER A 265 -3.11 9.47 -20.81
N LEU A 266 -3.80 8.67 -20.00
CA LEU A 266 -3.49 7.26 -19.85
C LEU A 266 -4.74 6.46 -20.16
N SER A 267 -4.62 5.53 -21.08
CA SER A 267 -5.76 4.69 -21.44
C SER A 267 -5.41 3.26 -21.05
N ILE A 268 -6.13 2.73 -20.08
CA ILE A 268 -5.88 1.38 -19.62
C ILE A 268 -7.21 0.73 -19.34
N ARG A 269 -7.16 -0.54 -18.96
CA ARG A 269 -8.37 -1.26 -18.63
C ARG A 269 -8.01 -2.10 -17.41
N VAL A 270 -8.88 -2.13 -16.41
CA VAL A 270 -8.61 -2.90 -15.19
C VAL A 270 -9.64 -4.01 -14.97
N GLU A 271 -9.17 -5.18 -14.57
CA GLU A 271 -10.08 -6.32 -14.35
C GLU A 271 -9.77 -7.08 -13.05
N GLU A 272 -10.74 -7.84 -12.57
CA GLU A 272 -10.55 -8.65 -11.38
C GLU A 272 -10.13 -10.03 -11.86
N GLU A 273 -9.17 -10.63 -11.17
CA GLU A 273 -8.68 -11.94 -11.53
C GLU A 273 -8.19 -12.69 -10.31
N ALA A 274 -8.98 -13.66 -9.85
CA ALA A 274 -8.59 -14.45 -8.70
C ALA A 274 -8.18 -13.58 -7.51
N GLY A 275 -9.01 -12.60 -7.16
CA GLY A 275 -8.71 -11.75 -6.03
C GLY A 275 -7.81 -10.56 -6.28
N ARG A 276 -6.94 -10.67 -7.27
CA ARG A 276 -6.01 -9.59 -7.60
C ARG A 276 -6.63 -8.71 -8.70
N TYR A 277 -6.05 -7.53 -8.89
CA TYR A 277 -6.50 -6.62 -9.94
C TYR A 277 -5.47 -6.68 -11.05
N VAL A 278 -5.88 -6.55 -12.30
CA VAL A 278 -4.95 -6.60 -13.43
C VAL A 278 -5.11 -5.37 -14.32
N ILE A 279 -3.98 -4.89 -14.83
CA ILE A 279 -3.97 -3.73 -15.71
C ILE A 279 -3.60 -4.12 -17.13
N ILE A 280 -4.45 -3.71 -18.05
CA ILE A 280 -4.24 -3.99 -19.46
C ILE A 280 -3.91 -2.65 -20.10
N TRP A 281 -2.65 -2.51 -20.49
CA TRP A 281 -2.15 -1.30 -21.11
C TRP A 281 -1.61 -1.74 -22.46
N ASN A 282 -2.14 -1.17 -23.53
CA ASN A 282 -1.72 -1.55 -24.87
C ASN A 282 -1.86 -3.07 -25.03
N TYR A 283 -0.76 -3.75 -25.31
CA TYR A 283 -0.81 -5.20 -25.48
C TYR A 283 -0.22 -5.93 -24.27
N LYS A 284 0.02 -5.19 -23.20
CA LYS A 284 0.58 -5.79 -22.01
C LYS A 284 -0.44 -5.98 -20.88
N LYS A 285 -0.19 -6.99 -20.06
CA LYS A 285 -1.04 -7.31 -18.94
C LYS A 285 -0.14 -7.30 -17.71
N ILE A 286 -0.34 -6.31 -16.85
CA ILE A 286 0.46 -6.18 -15.65
C ILE A 286 -0.38 -6.35 -14.37
N ASN A 287 0.08 -7.23 -13.49
CA ASN A 287 -0.62 -7.48 -12.24
C ASN A 287 -0.36 -6.35 -11.25
N VAL A 288 -1.40 -5.95 -10.54
CA VAL A 288 -1.29 -4.90 -9.54
C VAL A 288 -0.90 -5.63 -8.24
N TYR A 289 0.36 -5.52 -7.85
CA TYR A 289 0.87 -6.19 -6.65
C TYR A 289 0.31 -5.64 -5.33
N ARG A 290 0.32 -4.32 -5.17
CA ARG A 290 -0.23 -3.71 -3.97
C ARG A 290 -1.21 -2.63 -4.45
N PRO A 291 -2.50 -2.95 -4.42
CA PRO A 291 -3.46 -1.95 -4.87
C PRO A 291 -3.86 -1.02 -3.74
N ASP A 292 -4.30 0.16 -4.11
CA ASP A 292 -4.79 1.11 -3.14
C ASP A 292 -3.90 1.46 -1.97
N VAL A 293 -2.65 1.83 -2.22
CA VAL A 293 -1.77 2.22 -1.14
C VAL A 293 -2.09 3.70 -0.93
N GLU A 294 -3.11 3.97 -0.12
CA GLU A 294 -3.56 5.33 0.13
C GLU A 294 -2.55 6.30 0.70
N CYS A 295 -2.66 7.55 0.29
CA CYS A 295 -1.79 8.62 0.77
C CYS A 295 -2.63 9.84 1.14
N THR A 296 -1.99 10.88 1.63
CA THR A 296 -2.72 12.09 2.03
C THR A 296 -3.14 12.95 0.86
N ASN A 297 -2.39 12.86 -0.24
CA ASN A 297 -2.70 13.64 -1.43
C ASN A 297 -2.88 12.73 -2.63
N GLY A 298 -3.41 11.52 -2.41
CA GLY A 298 -3.59 10.63 -3.52
C GLY A 298 -3.51 9.16 -3.16
N ILE A 299 -3.28 8.33 -4.17
CA ILE A 299 -3.20 6.90 -3.96
C ILE A 299 -2.12 6.32 -4.86
N ILE A 300 -1.46 5.28 -4.38
CA ILE A 300 -0.41 4.61 -5.15
C ILE A 300 -0.79 3.16 -5.41
N HIS A 301 -0.55 2.67 -6.63
CA HIS A 301 -0.84 1.26 -6.94
C HIS A 301 0.47 0.62 -7.38
N VAL A 302 0.99 -0.30 -6.56
CA VAL A 302 2.25 -0.94 -6.91
C VAL A 302 2.05 -2.00 -7.99
N ILE A 303 2.70 -1.82 -9.12
CA ILE A 303 2.55 -2.77 -10.21
C ILE A 303 3.75 -3.69 -10.40
N ASP A 304 3.54 -4.80 -11.10
CA ASP A 304 4.58 -5.81 -11.33
C ASP A 304 5.61 -5.44 -12.36
N TYR A 305 5.21 -4.61 -13.31
CA TYR A 305 6.11 -4.22 -14.39
C TYR A 305 5.71 -2.82 -14.84
N PRO A 306 6.69 -1.99 -15.22
CA PRO A 306 6.43 -0.62 -15.67
C PRO A 306 5.74 -0.55 -17.02
N LEU A 307 4.92 0.50 -17.22
CA LEU A 307 4.24 0.67 -18.50
C LEU A 307 5.31 1.01 -19.52
N LEU A 308 5.90 -0.01 -20.15
CA LEU A 308 6.96 0.20 -21.12
C LEU A 308 6.91 -0.78 -22.30
N GLU A 309 7.09 -0.26 -23.51
CA GLU A 309 7.11 -1.05 -24.74
C GLU A 309 8.53 -0.90 -25.28
N GLU A 310 8.94 -1.73 -26.23
CA GLU A 310 10.30 -1.56 -26.73
C GLU A 310 10.39 -0.43 -27.76
N LYS A 311 9.36 0.40 -27.83
CA LYS A 311 9.36 1.53 -28.73
C LYS A 311 9.98 2.70 -27.96
N ASP A 312 10.25 2.47 -26.68
CA ASP A 312 10.85 3.49 -25.83
C ASP A 312 12.28 3.07 -25.48
N VAL A 313 12.70 1.94 -26.03
CA VAL A 313 14.04 1.40 -25.76
C VAL A 313 15.02 1.57 -26.91
N VAL A 314 14.57 1.31 -28.14
CA VAL A 314 15.41 1.44 -29.32
C VAL A 314 15.65 2.92 -29.64
N VAL A 315 16.10 3.65 -28.74
C1 NAG B . 8.52 0.31 6.87
C2 NAG B . 9.04 -0.89 6.08
C3 NAG B . 10.46 -1.22 6.57
C4 NAG B . 11.37 0.03 6.46
C5 NAG B . 10.70 1.21 7.18
C6 NAG B . 11.45 2.52 7.06
C7 NAG B . 7.52 -2.58 5.29
C8 NAG B . 6.68 -3.81 5.59
N2 NAG B . 8.18 -2.03 6.30
O3 NAG B . 10.99 -2.31 5.83
O4 NAG B . 12.63 -0.26 7.10
O5 NAG B . 9.38 1.43 6.67
O6 NAG B . 11.74 2.80 5.70
O7 NAG B . 7.57 -2.14 4.14
C1 NAG B . 13.69 -0.60 6.29
C2 NAG B . 14.99 -0.30 7.02
C3 NAG B . 16.16 -0.65 6.12
C4 NAG B . 16.04 -2.12 5.69
C5 NAG B . 14.65 -2.43 5.09
C6 NAG B . 14.47 -3.93 4.90
C7 NAG B . 15.05 1.45 8.67
C8 NAG B . 16.05 2.53 9.08
N2 NAG B . 15.03 1.10 7.40
O3 NAG B . 17.37 -0.43 6.82
O4 NAG B . 17.05 -2.48 4.75
O5 NAG B . 13.60 -1.99 5.98
O6 NAG B . 14.72 -4.62 6.11
O7 NAG B . 14.32 0.93 9.52
S SO4 C . 10.59 -5.98 -4.36
O1 SO4 C . 10.69 -5.00 -3.30
O2 SO4 C . 9.91 -5.36 -5.51
O3 SO4 C . 11.92 -6.44 -4.78
O4 SO4 C . 9.79 -7.12 -3.88
S SO4 D . -7.45 7.33 25.75
O1 SO4 D . -6.41 6.41 25.22
O2 SO4 D . -6.90 8.11 26.87
O3 SO4 D . -7.89 8.24 24.68
O4 SO4 D . -8.61 6.54 26.22
S SO4 E . 19.12 0.42 -9.21
O1 SO4 E . 20.33 0.89 -8.50
O2 SO4 E . 18.07 1.45 -9.14
O3 SO4 E . 19.46 0.16 -10.63
O4 SO4 E . 18.64 -0.82 -8.57
S SO4 F . 2.84 8.04 -23.97
O1 SO4 F . 2.41 8.59 -22.66
O2 SO4 F . 2.01 8.63 -25.05
O3 SO4 F . 4.26 8.39 -24.20
O4 SO4 F . 2.68 6.57 -23.97
#